data_3RP7
#
_entry.id   3RP7
#
_cell.length_a   67.023
_cell.length_b   67.840
_cell.length_c   82.236
_cell.angle_alpha   90.000
_cell.angle_beta   90.000
_cell.angle_gamma   90.000
#
_symmetry.space_group_name_H-M   'P 21 21 21'
#
loop_
_entity.id
_entity.type
_entity.pdbx_description
1 polymer 'flavoprotein monooxygenase'
2 non-polymer 'URIC ACID'
3 non-polymer 'FLAVIN-ADENINE DINUCLEOTIDE'
4 water water
#
_entity_poly.entity_id   1
_entity_poly.type   'polypeptide(L)'
_entity_poly.pdbx_seq_one_letter_code
;(MSE)GSDKIHHHHHHSSGENLYFQGH(MSE)KAIVIGAGIGGLSAAVALKQSGIDCDVYEAVKEIKPVGAAISVWPNGV
KC(MSE)AHLG(MSE)GDI(MSE)ETFGGPLRR(MSE)AYRDFRSGEN(MSE)TQFSLAPLIERTGSRPCPVSRAELQRE
(MSE)LDYWGRDSVQFGKRVTRCEEDADGVTVWFTDGSSASGDLLIAADGSHSALRPWVLGFTPQRRYAGYVNWNGLVEI
DEALAPGDQWTTFVGEGKRVSL(MSE)PVSAGRFYFFFDVPLPAGLAEDRDTLRADLSRYFAGWAPPVQKLIAALDPQTT
NRIEIHDIEPFSRLVRGRVALLGDAGHSTTPDIGQGGCAA(MSE)EDAVVLGAVFRQTRDIAAALREYEAQRCDRVRDLV
LKARKRCDITHGKD(MSE)QLTEAWYQELREETGERIING(MSE)CDTILSGPLG
;
_entity_poly.pdbx_strand_id   A
#
# COMPACT_ATOMS: atom_id res chain seq x y z
N GLU A 16 19.18 -27.01 18.67
CA GLU A 16 19.34 -26.41 19.98
C GLU A 16 20.13 -25.10 19.91
N ASN A 17 21.12 -25.06 19.02
CA ASN A 17 21.68 -23.78 18.59
C ASN A 17 20.85 -23.30 17.41
N LEU A 18 20.07 -22.26 17.64
CA LEU A 18 19.02 -21.84 16.70
C LEU A 18 19.52 -21.04 15.52
N TYR A 19 20.84 -20.81 15.45
CA TYR A 19 21.41 -20.14 14.28
C TYR A 19 21.65 -21.09 13.11
N PHE A 20 21.77 -22.38 13.38
CA PHE A 20 22.07 -23.33 12.32
C PHE A 20 20.95 -23.46 11.29
N GLN A 21 21.33 -23.57 10.02
CA GLN A 21 20.37 -23.75 8.95
C GLN A 21 19.42 -24.91 9.26
N GLY A 22 18.12 -24.63 9.19
CA GLY A 22 17.11 -25.64 9.43
C GLY A 22 16.58 -25.68 10.85
N HIS A 23 17.11 -24.82 11.72
CA HIS A 23 16.70 -24.82 13.13
C HIS A 23 15.67 -23.75 13.43
N LYS A 25 12.37 -22.00 11.54
CA LYS A 25 11.46 -21.96 10.40
C LYS A 25 10.35 -20.95 10.63
N ALA A 26 10.24 -20.00 9.71
CA ALA A 26 9.15 -19.05 9.75
C ALA A 26 8.12 -19.43 8.70
N ILE A 27 6.87 -19.42 9.10
CA ILE A 27 5.76 -19.59 8.18
C ILE A 27 5.22 -18.20 7.86
N VAL A 28 5.21 -17.86 6.58
CA VAL A 28 4.70 -16.57 6.14
C VAL A 28 3.40 -16.78 5.35
N ILE A 29 2.31 -16.22 5.84
CA ILE A 29 1.01 -16.34 5.18
C ILE A 29 0.73 -15.09 4.35
N GLY A 30 0.58 -15.25 3.05
CA GLY A 30 0.35 -14.16 2.13
C GLY A 30 1.56 -13.90 1.25
N ALA A 31 1.33 -13.81 -0.06
CA ALA A 31 2.45 -13.56 -0.97
C ALA A 31 2.28 -12.23 -1.71
N GLY A 32 1.66 -11.28 -1.04
CA GLY A 32 1.61 -9.92 -1.55
C GLY A 32 2.90 -9.18 -1.19
N ILE A 33 2.83 -7.86 -1.22
CA ILE A 33 3.99 -7.02 -0.92
C ILE A 33 4.53 -7.33 0.48
N GLY A 34 3.64 -7.43 1.45
CA GLY A 34 4.05 -7.70 2.81
C GLY A 34 4.73 -9.05 2.98
N GLY A 35 4.07 -10.11 2.53
CA GLY A 35 4.57 -11.46 2.76
C GLY A 35 5.93 -11.70 2.14
N LEU A 36 6.09 -11.26 0.89
CA LEU A 36 7.34 -11.48 0.17
C LEU A 36 8.45 -10.61 0.74
N SER A 37 8.13 -9.37 1.11
CA SER A 37 9.09 -8.52 1.82
C SER A 37 9.55 -9.16 3.11
N ALA A 38 8.60 -9.71 3.87
CA ALA A 38 8.93 -10.33 5.15
C ALA A 38 9.82 -11.56 4.97
N ALA A 39 9.49 -12.40 3.98
CA ALA A 39 10.28 -13.59 3.70
C ALA A 39 11.71 -13.22 3.29
N VAL A 40 11.84 -12.23 2.42
CA VAL A 40 13.17 -11.79 1.98
C VAL A 40 13.98 -11.29 3.19
N ALA A 41 13.34 -10.52 4.06
CA ALA A 41 14.01 -9.94 5.22
C ALA A 41 14.39 -11.01 6.23
N LEU A 42 13.51 -11.97 6.45
CA LEU A 42 13.80 -13.05 7.38
C LEU A 42 14.99 -13.87 6.87
N LYS A 43 15.00 -14.14 5.57
CA LYS A 43 16.08 -14.91 4.96
C LYS A 43 17.45 -14.20 5.12
N GLN A 44 17.47 -12.89 4.88
CA GLN A 44 18.66 -12.09 5.13
C GLN A 44 19.21 -12.30 6.54
N SER A 45 18.31 -12.47 7.50
CA SER A 45 18.73 -12.66 8.89
C SER A 45 18.93 -14.12 9.24
N GLY A 46 19.00 -14.97 8.21
CA GLY A 46 19.32 -16.37 8.39
C GLY A 46 18.17 -17.24 8.85
N ILE A 47 16.94 -16.81 8.58
CA ILE A 47 15.77 -17.60 8.94
C ILE A 47 15.13 -18.21 7.70
N ASP A 48 14.87 -19.50 7.75
CA ASP A 48 14.21 -20.21 6.64
C ASP A 48 12.71 -19.93 6.61
N CYS A 49 12.18 -19.52 5.48
CA CYS A 49 10.75 -19.24 5.36
C CYS A 49 10.05 -20.12 4.34
N ASP A 50 8.86 -20.59 4.70
CA ASP A 50 7.93 -21.18 3.75
C ASP A 50 6.76 -20.21 3.56
N VAL A 51 6.56 -19.78 2.32
CA VAL A 51 5.51 -18.81 2.01
C VAL A 51 4.27 -19.53 1.46
N TYR A 52 3.10 -19.19 2.04
CA TYR A 52 1.82 -19.75 1.63
C TYR A 52 0.88 -18.66 1.13
N GLU A 53 0.15 -18.95 0.06
CA GLU A 53 -0.72 -17.96 -0.55
C GLU A 53 -2.08 -18.58 -0.88
N ALA A 54 -3.16 -17.88 -0.55
CA ALA A 54 -4.50 -18.41 -0.74
C ALA A 54 -4.88 -18.64 -2.21
N VAL A 55 -4.67 -17.64 -3.07
CA VAL A 55 -5.12 -17.74 -4.45
C VAL A 55 -4.24 -18.72 -5.23
N LYS A 56 -4.79 -19.27 -6.31
CA LYS A 56 -4.03 -20.22 -7.12
C LYS A 56 -3.15 -19.48 -8.12
N GLU A 57 -3.56 -18.26 -8.45
CA GLU A 57 -2.82 -17.44 -9.39
C GLU A 57 -2.98 -15.96 -9.05
N ILE A 58 -1.90 -15.22 -9.24
CA ILE A 58 -1.85 -13.79 -8.88
C ILE A 58 -2.77 -12.92 -9.72
N LYS A 59 -3.37 -11.92 -9.09
CA LYS A 59 -4.24 -10.96 -9.77
C LYS A 59 -4.87 -9.99 -8.77
N ALA A 63 -4.31 -1.13 -9.51
CA ALA A 63 -3.56 -1.09 -10.77
C ALA A 63 -2.11 -0.65 -10.58
N ALA A 64 -1.87 0.21 -9.58
CA ALA A 64 -0.52 0.71 -9.33
C ALA A 64 -0.31 1.17 -7.89
N ILE A 65 0.96 1.33 -7.52
CA ILE A 65 1.36 1.78 -6.19
C ILE A 65 2.43 2.87 -6.31
N SER A 66 2.25 3.96 -5.57
CA SER A 66 3.30 4.97 -5.45
C SER A 66 4.26 4.57 -4.34
N VAL A 67 5.48 4.19 -4.71
CA VAL A 67 6.47 3.85 -3.70
C VAL A 67 7.36 5.03 -3.39
N TRP A 68 7.06 5.71 -2.28
CA TRP A 68 7.83 6.88 -1.88
C TRP A 68 9.22 6.48 -1.40
N PRO A 69 10.11 7.46 -1.19
CA PRO A 69 11.49 7.14 -0.83
C PRO A 69 11.67 6.28 0.42
N ASN A 70 10.79 6.39 1.41
CA ASN A 70 10.90 5.50 2.57
C ASN A 70 10.78 4.03 2.16
N GLY A 71 9.84 3.74 1.28
CA GLY A 71 9.67 2.39 0.75
C GLY A 71 10.80 1.97 -0.17
N VAL A 72 11.28 2.91 -1.00
CA VAL A 72 12.36 2.60 -1.93
C VAL A 72 13.62 2.16 -1.18
N LYS A 73 13.99 2.92 -0.16
CA LYS A 73 15.16 2.60 0.64
C LYS A 73 15.00 1.25 1.35
N CYS A 74 13.76 0.93 1.74
CA CYS A 74 13.48 -0.38 2.32
C CYS A 74 13.74 -1.48 1.30
N ALA A 76 15.62 -1.33 -1.27
CA ALA A 76 17.07 -1.35 -1.48
C ALA A 76 17.76 -2.11 -0.36
N HIS A 77 17.36 -1.83 0.88
CA HIS A 77 17.88 -2.51 2.06
C HIS A 77 17.66 -4.03 1.99
N LEU A 78 16.51 -4.43 1.42
CA LEU A 78 16.13 -5.84 1.33
C LEU A 78 16.80 -6.57 0.15
N GLY A 79 17.57 -5.84 -0.64
CA GLY A 79 18.27 -6.44 -1.78
C GLY A 79 17.47 -6.35 -3.06
N GLY A 81 16.47 -3.44 -4.68
CA GLY A 81 16.58 -2.11 -5.25
C GLY A 81 16.49 -2.05 -6.77
N ASP A 82 16.99 -3.07 -7.45
CA ASP A 82 16.97 -3.11 -8.91
C ASP A 82 15.55 -3.10 -9.46
N ILE A 83 14.62 -3.75 -8.74
CA ILE A 83 13.22 -3.74 -9.14
C ILE A 83 12.69 -2.30 -9.19
N GLU A 85 14.45 0.69 -9.31
CA GLU A 85 15.13 1.44 -10.37
C GLU A 85 14.56 1.10 -11.75
N THR A 86 14.37 -0.19 -12.00
CA THR A 86 13.95 -0.67 -13.33
C THR A 86 12.51 -0.33 -13.71
N PHE A 87 11.58 -0.50 -12.78
CA PHE A 87 10.16 -0.39 -13.10
C PHE A 87 9.51 0.88 -12.59
N GLY A 88 10.19 1.59 -11.69
CA GLY A 88 9.67 2.84 -11.16
C GLY A 88 9.49 3.88 -12.25
N GLY A 89 8.31 4.50 -12.28
CA GLY A 89 8.02 5.52 -13.26
C GLY A 89 8.83 6.78 -13.03
N PRO A 90 9.02 7.59 -14.08
CA PRO A 90 9.80 8.82 -13.99
C PRO A 90 8.98 9.95 -13.36
N LEU A 91 8.92 9.97 -12.03
CA LEU A 91 8.21 11.02 -11.31
C LEU A 91 9.19 12.09 -10.83
N ARG A 92 9.09 13.29 -11.39
CA ARG A 92 10.05 14.35 -11.08
C ARG A 92 9.39 15.63 -10.56
N ARG A 93 8.08 15.75 -10.75
CA ARG A 93 7.35 16.93 -10.32
C ARG A 93 5.87 16.62 -10.17
N ALA A 95 1.65 18.59 -9.81
CA ALA A 95 0.81 19.77 -9.94
C ALA A 95 -0.63 19.46 -9.52
N TYR A 96 -1.30 20.48 -9.01
CA TYR A 96 -2.72 20.44 -8.77
C TYR A 96 -3.40 21.40 -9.75
N ARG A 97 -4.44 20.92 -10.42
CA ARG A 97 -5.14 21.72 -11.41
C ARG A 97 -6.60 21.96 -11.04
N ASP A 98 -7.09 23.13 -11.42
CA ASP A 98 -8.48 23.52 -11.20
C ASP A 98 -9.38 22.62 -12.03
N PHE A 99 -10.49 22.18 -11.46
CA PHE A 99 -11.34 21.22 -12.17
C PHE A 99 -12.04 21.84 -13.39
N ARG A 100 -12.36 23.13 -13.33
CA ARG A 100 -13.02 23.82 -14.44
C ARG A 100 -12.03 24.28 -15.50
N SER A 101 -11.11 25.12 -15.09
CA SER A 101 -10.17 25.76 -16.02
C SER A 101 -9.08 24.79 -16.47
N GLY A 102 -8.76 23.82 -15.62
CA GLY A 102 -7.67 22.89 -15.92
C GLY A 102 -6.32 23.57 -15.78
N GLU A 103 -6.32 24.75 -15.17
CA GLU A 103 -5.10 25.53 -15.02
C GLU A 103 -4.34 25.13 -13.77
N ASN A 104 -3.02 25.33 -13.79
CA ASN A 104 -2.18 25.04 -12.64
C ASN A 104 -2.52 25.92 -11.44
N THR A 106 -0.95 25.00 -8.45
CA THR A 106 0.41 24.96 -7.96
C THR A 106 1.16 23.89 -8.76
N GLN A 107 2.45 24.11 -8.98
CA GLN A 107 3.27 23.14 -9.68
C GLN A 107 4.71 23.30 -9.20
N PHE A 108 5.42 22.18 -9.10
CA PHE A 108 6.79 22.22 -8.59
C PHE A 108 7.49 20.87 -8.74
N SER A 109 8.82 20.90 -8.74
CA SER A 109 9.56 19.66 -8.90
C SER A 109 9.76 19.00 -7.54
N LEU A 110 10.01 17.70 -7.59
CA LEU A 110 10.22 16.94 -6.37
C LEU A 110 11.71 16.80 -6.04
N ALA A 111 12.55 17.43 -6.87
CA ALA A 111 13.99 17.37 -6.67
C ALA A 111 14.41 17.59 -5.21
N PRO A 112 13.87 18.64 -4.57
CA PRO A 112 14.23 18.92 -3.17
C PRO A 112 13.90 17.77 -2.23
N LEU A 113 12.80 17.08 -2.48
CA LEU A 113 12.40 15.95 -1.64
C LEU A 113 13.36 14.80 -1.83
N ILE A 114 13.75 14.57 -3.09
CA ILE A 114 14.67 13.51 -3.43
C ILE A 114 16.05 13.72 -2.78
N GLU A 115 16.42 14.98 -2.60
CA GLU A 115 17.70 15.32 -1.98
C GLU A 115 17.66 15.10 -0.46
N ARG A 116 16.56 15.52 0.17
CA ARG A 116 16.42 15.35 1.62
C ARG A 116 16.20 13.89 2.06
N THR A 117 15.55 13.09 1.22
CA THR A 117 15.19 11.73 1.61
C THR A 117 16.12 10.65 1.07
N GLY A 118 16.92 11.00 0.07
CA GLY A 118 17.96 10.11 -0.42
C GLY A 118 17.58 9.15 -1.54
N SER A 119 16.33 9.22 -2.00
CA SER A 119 15.91 8.35 -3.10
C SER A 119 14.84 9.03 -3.94
N ARG A 120 14.69 8.59 -5.17
CA ARG A 120 13.62 9.11 -6.01
C ARG A 120 12.35 8.32 -5.72
N PRO A 121 11.18 8.95 -5.92
CA PRO A 121 9.91 8.22 -5.77
C PRO A 121 9.68 7.29 -6.96
N CYS A 122 9.13 6.10 -6.71
CA CYS A 122 9.00 5.09 -7.76
C CYS A 122 7.58 4.55 -7.90
N PRO A 123 6.73 5.25 -8.66
CA PRO A 123 5.41 4.66 -8.94
C PRO A 123 5.60 3.42 -9.79
N VAL A 124 4.91 2.33 -9.47
CA VAL A 124 5.09 1.08 -10.19
C VAL A 124 3.75 0.41 -10.37
N SER A 125 3.56 -0.27 -11.50
CA SER A 125 2.33 -0.99 -11.71
C SER A 125 2.27 -2.14 -10.71
N ARG A 126 1.08 -2.40 -10.19
CA ARG A 126 0.91 -3.40 -9.15
C ARG A 126 1.25 -4.77 -9.72
N ALA A 127 0.83 -5.00 -10.96
CA ALA A 127 1.04 -6.27 -11.63
C ALA A 127 2.52 -6.56 -11.75
N GLU A 128 3.29 -5.57 -12.18
CA GLU A 128 4.73 -5.72 -12.35
C GLU A 128 5.48 -5.87 -11.01
N LEU A 129 5.10 -5.05 -10.03
CA LEU A 129 5.75 -5.14 -8.71
C LEU A 129 5.60 -6.55 -8.13
N GLN A 130 4.38 -7.04 -8.16
CA GLN A 130 4.05 -8.37 -7.64
C GLN A 130 4.85 -9.46 -8.36
N ARG A 131 4.85 -9.39 -9.68
CA ARG A 131 5.55 -10.38 -10.52
C ARG A 131 7.03 -10.41 -10.21
N GLU A 132 7.66 -9.23 -10.17
CA GLU A 132 9.09 -9.12 -9.92
C GLU A 132 9.47 -9.61 -8.52
N LEU A 134 7.83 -11.88 -6.71
CA LEU A 134 7.71 -13.34 -6.78
C LEU A 134 8.91 -13.92 -7.51
N ASP A 135 9.30 -13.31 -8.62
CA ASP A 135 10.49 -13.73 -9.35
C ASP A 135 11.70 -13.73 -8.42
N TYR A 136 11.83 -12.67 -7.63
CA TYR A 136 12.97 -12.52 -6.74
C TYR A 136 12.99 -13.57 -5.64
N TRP A 137 11.85 -13.73 -4.97
CA TRP A 137 11.74 -14.76 -3.95
C TRP A 137 11.81 -16.15 -4.57
N GLY A 138 11.16 -16.33 -5.72
CA GLY A 138 11.13 -17.60 -6.43
C GLY A 138 9.80 -18.32 -6.23
N ARG A 139 9.05 -18.49 -7.31
CA ARG A 139 7.71 -19.10 -7.22
C ARG A 139 7.72 -20.50 -6.64
N ASP A 140 8.86 -21.18 -6.71
CA ASP A 140 8.95 -22.55 -6.20
C ASP A 140 8.91 -22.58 -4.68
N SER A 141 9.30 -21.48 -4.05
CA SER A 141 9.24 -21.36 -2.60
C SER A 141 7.92 -20.74 -2.12
N VAL A 142 6.90 -20.77 -2.98
CA VAL A 142 5.57 -20.35 -2.59
C VAL A 142 4.58 -21.47 -2.85
N GLN A 143 3.79 -21.83 -1.85
CA GLN A 143 2.71 -22.79 -2.07
C GLN A 143 1.39 -22.07 -2.24
N PHE A 144 0.82 -22.17 -3.44
CA PHE A 144 -0.43 -21.49 -3.78
C PHE A 144 -1.64 -22.36 -3.45
N GLY A 145 -2.82 -21.75 -3.42
CA GLY A 145 -4.03 -22.46 -3.07
C GLY A 145 -4.05 -22.87 -1.62
N LYS A 146 -3.27 -22.16 -0.81
CA LYS A 146 -3.17 -22.45 0.62
C LYS A 146 -3.76 -21.31 1.44
N ARG A 147 -5.02 -21.50 1.82
CA ARG A 147 -5.79 -20.47 2.47
C ARG A 147 -5.91 -20.78 3.95
N VAL A 148 -5.24 -19.99 4.77
CA VAL A 148 -5.14 -20.28 6.20
C VAL A 148 -6.47 -20.00 6.88
N THR A 149 -6.82 -20.83 7.86
CA THR A 149 -8.08 -20.66 8.59
C THR A 149 -7.86 -20.45 10.09
N ARG A 150 -6.78 -21.01 10.60
CA ARG A 150 -6.57 -21.06 12.03
C ARG A 150 -5.08 -21.16 12.31
N CYS A 151 -4.63 -20.54 13.40
CA CYS A 151 -3.33 -20.83 13.97
C CYS A 151 -3.46 -21.22 15.44
N GLU A 152 -2.52 -22.00 15.93
CA GLU A 152 -2.48 -22.39 17.34
C GLU A 152 -1.02 -22.53 17.74
N GLU A 153 -0.70 -22.15 18.97
CA GLU A 153 0.69 -22.21 19.42
C GLU A 153 0.83 -22.95 20.74
N ASP A 154 1.87 -23.76 20.83
CA ASP A 154 2.25 -24.46 22.07
C ASP A 154 3.56 -23.87 22.55
N ALA A 155 4.15 -24.45 23.59
CA ALA A 155 5.44 -23.99 24.06
C ALA A 155 6.53 -24.23 23.01
N ASP A 156 6.29 -25.21 22.15
CA ASP A 156 7.29 -25.65 21.18
C ASP A 156 7.28 -24.86 19.87
N GLY A 157 6.09 -24.51 19.39
CA GLY A 157 5.98 -23.78 18.15
C GLY A 157 4.58 -23.31 17.82
N VAL A 158 4.32 -23.12 16.54
CA VAL A 158 3.02 -22.67 16.11
C VAL A 158 2.58 -23.53 14.92
N THR A 159 1.28 -23.73 14.78
CA THR A 159 0.75 -24.50 13.66
C THR A 159 -0.40 -23.73 13.01
N VAL A 160 -0.50 -23.82 11.69
CA VAL A 160 -1.63 -23.27 10.96
C VAL A 160 -2.33 -24.36 10.15
N TRP A 161 -3.62 -24.17 9.91
CA TRP A 161 -4.42 -25.10 9.10
C TRP A 161 -4.92 -24.39 7.84
N PHE A 162 -4.99 -25.11 6.73
CA PHE A 162 -5.46 -24.54 5.47
C PHE A 162 -6.80 -25.16 5.03
N THR A 163 -7.60 -24.42 4.28
CA THR A 163 -8.90 -24.95 3.83
C THR A 163 -8.80 -26.29 3.07
N ASP A 164 -7.69 -26.52 2.36
CA ASP A 164 -7.53 -27.77 1.62
C ASP A 164 -7.24 -28.96 2.53
N GLY A 165 -7.23 -28.73 3.84
CA GLY A 165 -7.07 -29.81 4.80
C GLY A 165 -5.63 -30.06 5.26
N SER A 166 -4.67 -29.40 4.62
CA SER A 166 -3.28 -29.54 5.05
C SER A 166 -2.96 -28.58 6.20
N SER A 167 -1.78 -28.74 6.78
CA SER A 167 -1.32 -27.83 7.81
C SER A 167 0.19 -27.70 7.76
N ALA A 168 0.73 -26.73 8.49
CA ALA A 168 2.17 -26.55 8.54
C ALA A 168 2.57 -26.04 9.92
N SER A 169 3.76 -26.44 10.36
CA SER A 169 4.26 -26.06 11.68
C SER A 169 5.58 -25.31 11.55
N GLY A 170 5.84 -24.42 12.50
CA GLY A 170 7.10 -23.68 12.51
C GLY A 170 7.35 -23.01 13.84
N ASP A 171 8.43 -22.23 13.89
CA ASP A 171 8.83 -21.53 15.10
C ASP A 171 8.18 -20.16 15.19
N LEU A 172 7.97 -19.56 14.02
CA LEU A 172 7.48 -18.19 13.92
C LEU A 172 6.41 -18.10 12.82
N LEU A 173 5.37 -17.32 13.07
CA LEU A 173 4.30 -17.14 12.07
C LEU A 173 4.13 -15.66 11.75
N ILE A 174 4.28 -15.31 10.47
CA ILE A 174 4.02 -13.96 9.99
C ILE A 174 2.68 -13.92 9.24
N ALA A 175 1.70 -13.25 9.83
CA ALA A 175 0.41 -13.09 9.18
C ALA A 175 0.41 -11.85 8.29
N ALA A 176 0.69 -12.04 7.00
CA ALA A 176 0.63 -10.95 6.04
C ALA A 176 -0.52 -11.24 5.08
N ASP A 177 -1.67 -11.58 5.63
CA ASP A 177 -2.79 -12.04 4.83
C ASP A 177 -3.82 -10.96 4.48
N GLY A 178 -3.37 -9.70 4.40
CA GLY A 178 -4.17 -8.63 3.83
C GLY A 178 -5.18 -7.96 4.75
N SER A 179 -5.97 -7.05 4.18
CA SER A 179 -6.91 -6.28 4.98
C SER A 179 -8.06 -7.13 5.52
N HIS A 180 -8.33 -8.28 4.88
CA HIS A 180 -9.35 -9.20 5.38
C HIS A 180 -8.73 -10.39 6.12
N SER A 181 -7.53 -10.17 6.64
CA SER A 181 -6.78 -11.16 7.40
C SER A 181 -7.63 -12.13 8.21
N ALA A 182 -7.40 -13.43 8.01
CA ALA A 182 -8.08 -14.44 8.81
C ALA A 182 -7.40 -14.69 10.15
N LEU A 183 -6.11 -14.36 10.25
CA LEU A 183 -5.36 -14.60 11.49
C LEU A 183 -5.49 -13.43 12.46
N ARG A 184 -5.84 -12.26 11.95
CA ARG A 184 -5.89 -11.06 12.78
C ARG A 184 -6.72 -11.22 14.07
N PRO A 185 -7.93 -11.80 13.97
CA PRO A 185 -8.77 -12.02 15.15
C PRO A 185 -8.10 -12.87 16.25
N TRP A 186 -7.28 -13.84 15.85
CA TRP A 186 -6.59 -14.65 16.84
C TRP A 186 -5.53 -13.81 17.57
N VAL A 187 -4.80 -12.99 16.83
CA VAL A 187 -3.81 -12.12 17.46
C VAL A 187 -4.46 -11.12 18.41
N LEU A 188 -5.53 -10.46 17.97
CA LEU A 188 -6.12 -9.36 18.74
C LEU A 188 -7.09 -9.83 19.84
N GLY A 189 -7.81 -10.92 19.62
CA GLY A 189 -8.81 -11.39 20.56
C GLY A 189 -10.21 -10.93 20.20
N PHE A 190 -10.31 -10.14 19.13
CA PHE A 190 -11.60 -9.73 18.60
C PHE A 190 -11.46 -9.48 17.10
N THR A 191 -12.57 -9.18 16.44
CA THR A 191 -12.60 -8.99 14.99
C THR A 191 -12.85 -7.52 14.63
N PRO A 192 -11.79 -6.79 14.29
CA PRO A 192 -11.99 -5.40 13.85
C PRO A 192 -12.78 -5.42 12.56
N GLN A 193 -13.56 -4.39 12.31
CA GLN A 193 -14.34 -4.27 11.08
C GLN A 193 -13.85 -3.11 10.23
N ARG A 194 -13.96 -3.26 8.92
CA ARG A 194 -13.57 -2.22 7.99
C ARG A 194 -14.60 -1.09 8.01
N ARG A 195 -14.10 0.14 8.00
CA ARG A 195 -14.91 1.34 8.05
C ARG A 195 -14.95 1.96 6.66
N TYR A 196 -16.14 2.10 6.09
CA TYR A 196 -16.26 2.78 4.80
C TYR A 196 -15.78 4.22 4.95
N ALA A 197 -14.85 4.64 4.10
CA ALA A 197 -14.27 5.97 4.19
C ALA A 197 -15.09 7.03 3.46
N GLY A 198 -16.18 6.63 2.82
CA GLY A 198 -17.10 7.59 2.23
C GLY A 198 -16.82 8.03 0.81
N TYR A 199 -15.90 7.34 0.13
CA TYR A 199 -15.67 7.63 -1.28
C TYR A 199 -15.31 6.39 -2.09
N VAL A 200 -15.50 6.50 -3.40
CA VAL A 200 -15.27 5.40 -4.31
C VAL A 200 -14.11 5.79 -5.22
N ASN A 201 -13.22 4.83 -5.47
CA ASN A 201 -12.06 5.07 -6.31
C ASN A 201 -12.17 4.22 -7.58
N TRP A 202 -12.04 4.86 -8.74
CA TRP A 202 -11.92 4.14 -10.00
C TRP A 202 -10.46 4.25 -10.43
N ASN A 203 -9.81 3.13 -10.72
CA ASN A 203 -8.42 3.18 -11.12
C ASN A 203 -8.03 2.22 -12.23
N GLY A 204 -6.96 2.55 -12.94
CA GLY A 204 -6.47 1.71 -14.02
C GLY A 204 -5.23 2.29 -14.64
N LEU A 205 -4.88 1.78 -15.82
CA LEU A 205 -3.74 2.28 -16.55
C LEU A 205 -4.16 2.72 -17.94
N VAL A 206 -3.51 3.75 -18.45
CA VAL A 206 -3.66 4.18 -19.83
C VAL A 206 -2.31 4.60 -20.38
N GLU A 207 -2.18 4.63 -21.70
CA GLU A 207 -0.94 5.08 -22.32
C GLU A 207 -0.75 6.58 -22.13
N ILE A 208 0.49 6.99 -21.91
CA ILE A 208 0.78 8.41 -21.75
C ILE A 208 0.45 9.19 -23.03
N ASP A 209 -0.41 10.19 -22.89
CA ASP A 209 -0.71 11.12 -23.97
C ASP A 209 -0.68 12.51 -23.36
N GLU A 210 0.26 13.34 -23.81
CA GLU A 210 0.42 14.67 -23.24
C GLU A 210 -0.80 15.57 -23.43
N ALA A 211 -1.82 15.05 -24.09
CA ALA A 211 -3.11 15.73 -24.16
C ALA A 211 -3.78 15.66 -22.79
N LEU A 212 -3.48 14.58 -22.06
CA LEU A 212 -3.97 14.41 -20.70
C LEU A 212 -3.13 15.25 -19.75
N ALA A 213 -1.84 14.93 -19.65
CA ALA A 213 -0.93 15.65 -18.77
C ALA A 213 0.53 15.32 -19.09
N PRO A 214 1.47 16.07 -18.48
CA PRO A 214 2.92 15.83 -18.63
C PRO A 214 3.37 14.44 -18.17
N GLY A 215 4.32 13.87 -18.91
CA GLY A 215 4.70 12.48 -18.73
C GLY A 215 5.59 12.21 -17.52
N ASP A 216 6.17 13.26 -16.96
CA ASP A 216 7.07 13.09 -15.82
C ASP A 216 6.49 13.65 -14.53
N GLN A 217 5.19 13.95 -14.52
CA GLN A 217 4.60 14.53 -13.32
C GLN A 217 3.35 13.81 -12.81
N TRP A 218 3.10 13.99 -11.53
CA TRP A 218 1.88 13.52 -10.89
C TRP A 218 0.90 14.69 -10.94
N THR A 219 -0.13 14.56 -11.76
CA THR A 219 -1.08 15.65 -11.97
C THR A 219 -2.44 15.30 -11.38
N THR A 220 -2.95 16.18 -10.53
CA THR A 220 -4.25 15.97 -9.92
C THR A 220 -5.20 17.13 -10.16
N PHE A 221 -6.34 16.86 -10.80
CA PHE A 221 -7.42 17.84 -10.89
C PHE A 221 -8.29 17.77 -9.65
N VAL A 222 -8.51 18.91 -8.99
CA VAL A 222 -9.30 18.93 -7.76
C VAL A 222 -10.52 19.86 -7.82
N GLY A 223 -11.57 19.50 -7.10
CA GLY A 223 -12.77 20.30 -7.02
C GLY A 223 -13.97 19.47 -6.62
N GLU A 224 -14.98 20.12 -6.05
CA GLU A 224 -16.23 19.45 -5.64
C GLU A 224 -16.04 18.23 -4.74
N GLY A 225 -14.94 18.20 -3.98
CA GLY A 225 -14.66 17.07 -3.11
C GLY A 225 -14.23 15.83 -3.87
N LYS A 226 -13.82 16.03 -5.13
CA LYS A 226 -13.43 14.92 -5.99
C LYS A 226 -11.99 15.10 -6.42
N ARG A 227 -11.43 14.07 -7.07
CA ARG A 227 -10.07 14.11 -7.60
C ARG A 227 -9.99 13.32 -8.89
N VAL A 228 -9.16 13.78 -9.81
CA VAL A 228 -8.75 12.97 -10.96
C VAL A 228 -7.25 13.08 -11.07
N SER A 229 -6.57 11.93 -11.10
CA SER A 229 -5.14 11.93 -10.92
C SER A 229 -4.42 11.05 -11.96
N LEU A 230 -3.24 11.50 -12.36
CA LEU A 230 -2.38 10.76 -13.28
C LEU A 230 -0.97 10.76 -12.74
N PRO A 232 2.98 8.72 -13.79
CA PRO A 232 3.67 7.79 -14.68
C PRO A 232 4.19 6.55 -13.96
N VAL A 233 3.90 5.38 -14.53
CA VAL A 233 4.60 4.16 -14.16
C VAL A 233 5.58 3.84 -15.29
N SER A 234 5.97 2.58 -15.41
CA SER A 234 6.95 2.22 -16.42
C SER A 234 6.32 2.14 -17.81
N ALA A 235 7.16 2.10 -18.83
CA ALA A 235 6.73 1.79 -20.20
C ALA A 235 5.72 2.77 -20.78
N GLY A 236 5.92 4.06 -20.55
CA GLY A 236 5.07 5.08 -21.13
C GLY A 236 3.60 4.89 -20.82
N ARG A 237 3.28 4.68 -19.55
CA ARG A 237 1.90 4.54 -19.13
C ARG A 237 1.58 5.44 -17.94
N PHE A 238 0.31 5.80 -17.81
CA PHE A 238 -0.15 6.55 -16.66
C PHE A 238 -0.96 5.64 -15.74
N TYR A 239 -0.70 5.75 -14.44
CA TYR A 239 -1.65 5.23 -13.47
C TYR A 239 -2.67 6.33 -13.28
N PHE A 240 -3.96 6.02 -13.48
CA PHE A 240 -5.00 7.03 -13.28
C PHE A 240 -5.94 6.61 -12.16
N PHE A 241 -6.51 7.58 -11.46
CA PHE A 241 -7.64 7.32 -10.58
C PHE A 241 -8.63 8.48 -10.47
N PHE A 242 -9.90 8.13 -10.29
CA PHE A 242 -10.98 9.07 -10.03
C PHE A 242 -11.51 8.81 -8.61
N ASP A 243 -11.69 9.86 -7.82
CA ASP A 243 -12.32 9.74 -6.50
C ASP A 243 -13.64 10.49 -6.51
N VAL A 244 -14.70 9.84 -6.05
CA VAL A 244 -15.97 10.51 -5.86
C VAL A 244 -16.59 10.17 -4.50
N PRO A 245 -16.96 11.19 -3.71
CA PRO A 245 -17.66 10.99 -2.44
C PRO A 245 -19.05 10.44 -2.71
N LEU A 246 -19.34 9.26 -2.18
CA LEU A 246 -20.57 8.56 -2.51
C LEU A 246 -20.98 7.64 -1.38
N PRO A 247 -22.29 7.36 -1.27
CA PRO A 247 -22.76 6.30 -0.36
C PRO A 247 -22.22 4.97 -0.85
N ALA A 248 -21.97 4.03 0.05
CA ALA A 248 -21.57 2.69 -0.35
C ALA A 248 -22.75 1.95 -0.97
N GLY A 249 -22.45 1.01 -1.86
CA GLY A 249 -23.46 0.08 -2.36
C GLY A 249 -24.27 0.51 -3.55
N LEU A 250 -23.82 1.54 -4.28
CA LEU A 250 -24.52 1.96 -5.48
C LEU A 250 -24.43 0.89 -6.58
N ALA A 251 -25.50 0.77 -7.37
CA ALA A 251 -25.54 -0.18 -8.48
C ALA A 251 -24.65 0.27 -9.62
N GLU A 252 -23.36 0.03 -9.50
CA GLU A 252 -22.40 0.53 -10.46
C GLU A 252 -21.26 -0.48 -10.63
N ASP A 253 -20.96 -0.82 -11.88
CA ASP A 253 -19.88 -1.75 -12.18
C ASP A 253 -19.13 -1.34 -13.44
N ARG A 254 -18.45 -2.30 -14.07
CA ARG A 254 -17.70 -2.03 -15.29
C ARG A 254 -18.61 -1.72 -16.47
N ASP A 255 -19.85 -2.20 -16.42
CA ASP A 255 -20.79 -1.95 -17.50
C ASP A 255 -21.42 -0.55 -17.42
N THR A 256 -21.48 0.01 -16.20
CA THR A 256 -22.07 1.33 -16.00
C THR A 256 -20.98 2.42 -15.95
N LEU A 257 -19.73 1.97 -16.01
CA LEU A 257 -18.56 2.79 -15.68
C LEU A 257 -18.38 4.12 -16.43
N ARG A 258 -18.25 4.07 -17.76
CA ARG A 258 -18.00 5.29 -18.55
C ARG A 258 -19.05 6.36 -18.26
N ALA A 259 -20.30 5.94 -18.24
CA ALA A 259 -21.42 6.83 -18.01
C ALA A 259 -21.40 7.41 -16.60
N ASP A 260 -21.06 6.58 -15.61
CA ASP A 260 -20.94 7.04 -14.24
C ASP A 260 -19.92 8.16 -14.15
N LEU A 261 -18.72 7.91 -14.66
CA LEU A 261 -17.65 8.90 -14.63
C LEU A 261 -18.04 10.15 -15.42
N SER A 262 -18.72 9.96 -16.55
CA SER A 262 -19.18 11.09 -17.33
C SER A 262 -20.14 11.95 -16.52
N ARG A 263 -21.03 11.30 -15.77
CA ARG A 263 -21.97 12.03 -14.92
C ARG A 263 -21.24 12.73 -13.77
N TYR A 264 -20.41 12.00 -13.05
CA TYR A 264 -19.74 12.54 -11.86
C TYR A 264 -18.81 13.69 -12.17
N PHE A 265 -18.22 13.68 -13.37
CA PHE A 265 -17.25 14.71 -13.74
C PHE A 265 -17.72 15.58 -14.90
N ALA A 266 -19.04 15.76 -14.99
CA ALA A 266 -19.60 16.70 -15.95
C ALA A 266 -19.06 18.09 -15.66
N GLY A 267 -18.61 18.78 -16.70
CA GLY A 267 -18.14 20.15 -16.55
C GLY A 267 -16.65 20.26 -16.27
N TRP A 268 -16.01 19.11 -16.00
CA TRP A 268 -14.58 19.10 -15.73
C TRP A 268 -13.76 19.33 -17.01
N ALA A 269 -12.62 20.00 -16.86
CA ALA A 269 -11.74 20.34 -17.97
C ALA A 269 -11.53 19.19 -18.96
N PRO A 270 -11.33 19.54 -20.25
CA PRO A 270 -11.21 18.57 -21.36
C PRO A 270 -10.27 17.39 -21.14
N PRO A 271 -9.10 17.61 -20.50
CA PRO A 271 -8.21 16.46 -20.24
C PRO A 271 -8.91 15.32 -19.49
N VAL A 272 -9.84 15.67 -18.62
CA VAL A 272 -10.59 14.68 -17.85
C VAL A 272 -11.57 13.93 -18.73
N GLN A 273 -12.23 14.65 -19.63
CA GLN A 273 -13.13 14.00 -20.56
C GLN A 273 -12.32 13.09 -21.49
N LYS A 274 -11.14 13.58 -21.87
CA LYS A 274 -10.21 12.80 -22.69
C LYS A 274 -9.85 11.49 -21.99
N LEU A 275 -9.59 11.57 -20.69
CA LEU A 275 -9.27 10.39 -19.89
C LEU A 275 -10.43 9.39 -19.83
N ILE A 276 -11.63 9.90 -19.57
CA ILE A 276 -12.81 9.04 -19.48
C ILE A 276 -13.04 8.27 -20.78
N ALA A 277 -12.79 8.92 -21.91
CA ALA A 277 -12.96 8.27 -23.21
C ALA A 277 -11.82 7.28 -23.45
N ALA A 278 -10.62 7.65 -23.05
CA ALA A 278 -9.44 6.83 -23.31
C ALA A 278 -9.39 5.50 -22.53
N LEU A 279 -9.97 5.46 -21.34
CA LEU A 279 -9.82 4.29 -20.47
C LEU A 279 -10.59 3.06 -20.96
N ASP A 280 -10.20 1.89 -20.46
CA ASP A 280 -10.91 0.65 -20.75
C ASP A 280 -11.65 0.14 -19.51
N PRO A 281 -12.99 0.17 -19.55
CA PRO A 281 -13.81 -0.23 -18.39
C PRO A 281 -13.57 -1.67 -17.97
N GLN A 282 -13.25 -2.55 -18.92
CA GLN A 282 -13.06 -3.96 -18.62
C GLN A 282 -11.83 -4.18 -17.75
N THR A 283 -10.90 -3.23 -17.81
CA THR A 283 -9.66 -3.33 -17.04
C THR A 283 -9.58 -2.26 -15.95
N THR A 284 -10.68 -1.55 -15.72
CA THR A 284 -10.72 -0.51 -14.72
C THR A 284 -11.36 -1.01 -13.43
N ASN A 285 -10.73 -0.69 -12.30
CA ASN A 285 -11.20 -1.15 -11.01
C ASN A 285 -12.09 -0.11 -10.33
N ARG A 286 -13.17 -0.56 -9.70
CA ARG A 286 -14.00 0.33 -8.90
C ARG A 286 -13.97 -0.17 -7.49
N ILE A 287 -13.39 0.60 -6.60
CA ILE A 287 -13.29 0.14 -5.22
C ILE A 287 -13.83 1.15 -4.23
N GLU A 288 -14.67 0.65 -3.34
CA GLU A 288 -15.22 1.44 -2.26
C GLU A 288 -14.19 1.46 -1.15
N ILE A 289 -13.70 2.65 -0.83
CA ILE A 289 -12.53 2.76 0.04
C ILE A 289 -12.87 2.58 1.52
N HIS A 290 -12.10 1.74 2.19
CA HIS A 290 -12.24 1.49 3.63
C HIS A 290 -10.92 1.66 4.37
N ASP A 291 -11.00 1.86 5.67
CA ASP A 291 -9.85 1.66 6.52
C ASP A 291 -10.29 0.93 7.78
N ILE A 292 -9.36 0.73 8.72
CA ILE A 292 -9.66 0.06 9.97
C ILE A 292 -9.07 0.88 11.10
N GLU A 293 -9.86 1.10 12.15
CA GLU A 293 -9.35 1.78 13.34
C GLU A 293 -8.05 1.12 13.81
N PRO A 294 -7.00 1.91 14.07
CA PRO A 294 -5.68 1.34 14.40
C PRO A 294 -5.72 0.39 15.60
N PHE A 295 -4.88 -0.65 15.57
CA PHE A 295 -4.74 -1.58 16.70
C PHE A 295 -3.66 -1.11 17.64
N SER A 296 -3.76 -1.51 18.90
CA SER A 296 -2.72 -1.19 19.87
C SER A 296 -1.82 -2.40 20.10
N ARG A 297 -2.00 -3.43 19.27
CA ARG A 297 -1.07 -4.56 19.30
C ARG A 297 -0.90 -5.23 17.93
N LEU A 298 0.30 -5.74 17.70
CA LEU A 298 0.65 -6.32 16.41
C LEU A 298 1.11 -7.77 16.52
N VAL A 299 1.40 -8.21 17.74
CA VAL A 299 1.95 -9.55 17.93
C VAL A 299 1.32 -10.25 19.13
N ARG A 300 1.39 -11.57 19.10
CA ARG A 300 0.92 -12.41 20.19
C ARG A 300 1.74 -13.69 20.14
N GLY A 301 2.56 -13.93 21.17
CA GLY A 301 3.40 -15.10 21.21
C GLY A 301 4.37 -15.17 20.03
N ARG A 302 4.23 -16.21 19.21
CA ARG A 302 5.11 -16.43 18.06
C ARG A 302 4.52 -15.88 16.76
N VAL A 303 3.47 -15.09 16.88
CA VAL A 303 2.74 -14.64 15.70
C VAL A 303 2.76 -13.12 15.57
N ALA A 304 3.04 -12.64 14.36
CA ALA A 304 3.08 -11.20 14.11
C ALA A 304 2.25 -10.80 12.89
N LEU A 305 1.42 -9.77 13.04
CA LEU A 305 0.73 -9.18 11.91
C LEU A 305 1.70 -8.29 11.14
N LEU A 306 1.61 -8.31 9.82
CA LEU A 306 2.44 -7.47 8.98
C LEU A 306 1.66 -6.98 7.77
N GLY A 307 1.93 -5.75 7.35
CA GLY A 307 1.25 -5.19 6.19
C GLY A 307 -0.21 -4.87 6.50
N ASP A 308 -1.08 -5.05 5.50
CA ASP A 308 -2.49 -4.68 5.64
C ASP A 308 -3.18 -5.44 6.78
N ALA A 309 -2.72 -6.67 7.05
CA ALA A 309 -3.20 -7.45 8.19
C ALA A 309 -3.04 -6.71 9.53
N GLY A 310 -1.98 -5.92 9.66
CA GLY A 310 -1.71 -5.20 10.90
C GLY A 310 -2.11 -3.74 10.86
N HIS A 311 -2.48 -3.23 9.68
CA HIS A 311 -2.86 -1.83 9.53
C HIS A 311 -3.44 -1.61 8.14
N SER A 312 -4.69 -1.18 8.12
CA SER A 312 -5.38 -0.97 6.85
C SER A 312 -5.76 0.50 6.71
N THR A 313 -5.17 1.17 5.73
CA THR A 313 -5.30 2.61 5.56
C THR A 313 -6.05 2.92 4.28
N THR A 314 -6.60 4.13 4.17
CA THR A 314 -7.04 4.63 2.86
C THR A 314 -5.76 4.93 2.07
N PRO A 315 -5.84 4.94 0.74
CA PRO A 315 -4.66 5.19 -0.11
C PRO A 315 -4.21 6.66 -0.14
N ASP A 316 -4.89 7.52 0.61
CA ASP A 316 -4.74 8.98 0.45
C ASP A 316 -3.37 9.63 0.66
N ILE A 317 -2.43 8.94 1.30
CA ILE A 317 -1.07 9.48 1.30
C ILE A 317 -0.08 8.54 0.62
N GLY A 318 -0.63 7.53 -0.04
CA GLY A 318 0.17 6.58 -0.80
C GLY A 318 1.22 5.88 0.04
N GLN A 319 0.83 5.42 1.23
CA GLN A 319 1.79 4.81 2.15
C GLN A 319 1.48 3.36 2.58
N GLY A 320 0.40 2.79 2.07
CA GLY A 320 0.02 1.43 2.42
C GLY A 320 1.07 0.37 2.11
N GLY A 321 1.51 0.31 0.86
CA GLY A 321 2.55 -0.63 0.45
C GLY A 321 3.91 -0.30 1.05
N CYS A 322 4.23 0.98 1.17
CA CYS A 322 5.47 1.39 1.80
C CYS A 322 5.53 0.89 3.25
N ALA A 323 4.40 0.99 3.95
CA ALA A 323 4.34 0.59 5.35
C ALA A 323 4.65 -0.90 5.50
N ALA A 324 4.15 -1.72 4.57
CA ALA A 324 4.42 -3.16 4.63
C ALA A 324 5.91 -3.46 4.42
N GLU A 326 8.27 -1.33 5.18
CA GLU A 326 8.90 -0.87 6.42
C GLU A 326 8.79 -1.95 7.49
N ASP A 327 7.60 -2.56 7.59
CA ASP A 327 7.37 -3.63 8.57
C ASP A 327 8.42 -4.70 8.38
N ALA A 328 8.64 -5.10 7.13
CA ALA A 328 9.56 -6.20 6.83
C ALA A 328 11.00 -5.88 7.20
N VAL A 329 11.43 -4.66 6.89
CA VAL A 329 12.77 -4.22 7.25
C VAL A 329 13.00 -4.34 8.76
N VAL A 330 12.04 -3.86 9.54
CA VAL A 330 12.14 -3.93 11.00
C VAL A 330 12.11 -5.37 11.50
N LEU A 331 11.27 -6.20 10.88
CA LEU A 331 11.17 -7.62 11.24
C LEU A 331 12.51 -8.34 11.05
N GLY A 332 13.14 -8.13 9.90
CA GLY A 332 14.45 -8.72 9.67
C GLY A 332 15.48 -8.21 10.66
N ALA A 333 15.41 -6.91 10.94
CA ALA A 333 16.39 -6.27 11.81
C ALA A 333 16.33 -6.80 13.24
N VAL A 334 15.13 -7.03 13.74
CA VAL A 334 14.99 -7.51 15.11
C VAL A 334 15.47 -8.94 15.26
N PHE A 335 15.50 -9.71 14.17
CA PHE A 335 16.03 -11.08 14.20
C PHE A 335 17.50 -11.20 13.79
N ARG A 336 18.14 -10.06 13.53
CA ARG A 336 19.51 -10.10 13.00
C ARG A 336 20.48 -10.71 14.00
N GLN A 337 20.31 -10.37 15.27
CA GLN A 337 21.24 -10.83 16.29
C GLN A 337 20.53 -11.39 17.52
N THR A 338 19.40 -12.05 17.30
CA THR A 338 18.71 -12.74 18.39
C THR A 338 17.84 -13.87 17.87
N ARG A 339 17.60 -14.86 18.73
CA ARG A 339 16.74 -15.99 18.39
C ARG A 339 15.65 -16.15 19.44
N ASP A 340 15.50 -15.12 20.27
CA ASP A 340 14.42 -15.09 21.25
C ASP A 340 13.20 -14.51 20.55
N ILE A 341 12.32 -15.39 20.07
CA ILE A 341 11.22 -14.96 19.23
C ILE A 341 10.30 -13.97 19.93
N ALA A 342 9.92 -14.29 21.16
CA ALA A 342 9.03 -13.42 21.93
C ALA A 342 9.61 -12.01 22.10
N ALA A 343 10.91 -11.95 22.38
CA ALA A 343 11.58 -10.67 22.59
C ALA A 343 11.66 -9.92 21.28
N ALA A 344 12.02 -10.61 20.21
CA ALA A 344 12.13 -9.97 18.90
C ALA A 344 10.80 -9.36 18.44
N LEU A 345 9.71 -10.09 18.63
CA LEU A 345 8.40 -9.64 18.16
C LEU A 345 7.84 -8.50 19.00
N ARG A 346 8.12 -8.52 20.30
CA ARG A 346 7.75 -7.37 21.13
C ARG A 346 8.50 -6.12 20.67
N GLU A 347 9.76 -6.27 20.27
CA GLU A 347 10.52 -5.13 19.76
C GLU A 347 9.99 -4.68 18.38
N TYR A 348 9.64 -5.64 17.53
CA TYR A 348 8.99 -5.34 16.27
C TYR A 348 7.75 -4.47 16.52
N GLU A 349 6.88 -4.95 17.41
CA GLU A 349 5.66 -4.24 17.72
C GLU A 349 5.97 -2.84 18.27
N ALA A 350 6.95 -2.76 19.16
CA ALA A 350 7.33 -1.49 19.76
C ALA A 350 7.76 -0.50 18.69
N GLN A 351 8.47 -0.98 17.69
CA GLN A 351 8.96 -0.08 16.65
C GLN A 351 7.90 0.32 15.62
N ARG A 352 6.94 -0.56 15.38
CA ARG A 352 5.97 -0.38 14.30
C ARG A 352 4.62 0.23 14.70
N CYS A 353 4.16 -0.04 15.91
CA CYS A 353 2.77 0.24 16.27
C CYS A 353 2.38 1.72 16.15
N ASP A 354 3.18 2.61 16.75
CA ASP A 354 2.92 4.04 16.66
C ASP A 354 3.03 4.57 15.23
N ARG A 355 3.96 4.02 14.47
CA ARG A 355 4.16 4.44 13.07
C ARG A 355 2.92 4.16 12.24
N VAL A 356 2.44 2.92 12.29
CA VAL A 356 1.32 2.55 11.45
C VAL A 356 0.01 3.16 11.92
N ARG A 357 -0.14 3.39 13.23
CA ARG A 357 -1.27 4.17 13.74
C ARG A 357 -1.29 5.55 13.09
N ASP A 358 -0.16 6.24 13.16
CA ASP A 358 -0.06 7.58 12.59
C ASP A 358 -0.32 7.60 11.10
N LEU A 359 0.20 6.61 10.37
CA LEU A 359 -0.05 6.51 8.94
C LEU A 359 -1.54 6.35 8.61
N VAL A 360 -2.23 5.45 9.32
CA VAL A 360 -3.66 5.25 9.07
C VAL A 360 -4.47 6.53 9.36
N LEU A 361 -4.16 7.19 10.47
CA LEU A 361 -4.87 8.41 10.87
C LEU A 361 -4.55 9.60 9.98
N LYS A 362 -3.29 9.70 9.56
CA LYS A 362 -2.88 10.75 8.63
C LYS A 362 -3.62 10.61 7.29
N ALA A 363 -3.63 9.39 6.75
CA ALA A 363 -4.40 9.08 5.54
C ALA A 363 -5.85 9.47 5.72
N ARG A 364 -6.43 9.06 6.84
CA ARG A 364 -7.83 9.34 7.13
C ARG A 364 -8.15 10.85 7.10
N LYS A 365 -7.31 11.63 7.77
CA LYS A 365 -7.49 13.08 7.84
C LYS A 365 -7.44 13.70 6.45
N ARG A 366 -6.46 13.27 5.66
CA ARG A 366 -6.31 13.76 4.29
C ARG A 366 -7.52 13.36 3.45
N CYS A 367 -7.93 12.10 3.58
CA CYS A 367 -9.16 11.65 2.94
C CYS A 367 -10.33 12.61 3.25
N ASP A 368 -10.51 12.94 4.52
CA ASP A 368 -11.63 13.79 4.93
C ASP A 368 -11.56 15.23 4.39
N ILE A 369 -10.35 15.78 4.36
CA ILE A 369 -10.12 17.10 3.78
C ILE A 369 -10.33 17.09 2.26
N THR A 370 -9.80 16.06 1.60
CA THR A 370 -9.89 15.96 0.14
C THR A 370 -11.32 15.77 -0.38
N HIS A 371 -12.14 15.02 0.33
CA HIS A 371 -13.42 14.58 -0.24
C HIS A 371 -14.65 15.25 0.36
N GLY A 372 -14.45 16.41 0.98
CA GLY A 372 -15.57 17.23 1.40
C GLY A 372 -16.41 16.73 2.56
N LYS A 373 -15.79 16.08 3.54
CA LYS A 373 -16.54 15.71 4.75
C LYS A 373 -17.13 16.99 5.36
N ASP A 374 -16.33 18.05 5.33
CA ASP A 374 -16.79 19.40 5.64
C ASP A 374 -16.33 20.26 4.47
N GLN A 376 -16.29 23.19 3.60
CA GLN A 376 -15.56 24.42 3.87
C GLN A 376 -14.08 24.17 4.14
N LEU A 377 -13.79 23.14 4.92
CA LEU A 377 -12.41 22.72 5.14
C LEU A 377 -11.77 22.34 3.82
N THR A 378 -12.57 21.73 2.94
CA THR A 378 -12.08 21.32 1.63
C THR A 378 -11.80 22.52 0.73
N GLU A 379 -12.71 23.50 0.75
CA GLU A 379 -12.53 24.73 0.00
C GLU A 379 -11.31 25.49 0.53
N ALA A 380 -11.12 25.48 1.84
CA ALA A 380 -9.94 26.10 2.43
C ALA A 380 -8.67 25.44 1.92
N TRP A 381 -8.68 24.11 1.82
CA TRP A 381 -7.55 23.39 1.27
C TRP A 381 -7.27 23.80 -0.18
N TYR A 382 -8.32 23.91 -1.01
CA TYR A 382 -8.13 24.38 -2.37
C TYR A 382 -7.49 25.77 -2.38
N GLN A 383 -7.91 26.62 -1.44
CA GLN A 383 -7.33 27.95 -1.32
C GLN A 383 -5.82 27.85 -1.07
N GLU A 384 -5.43 27.01 -0.11
CA GLU A 384 -4.03 26.81 0.22
C GLU A 384 -3.23 26.33 -0.99
N LEU A 385 -3.86 25.54 -1.85
CA LEU A 385 -3.18 25.03 -3.05
C LEU A 385 -2.97 26.15 -4.06
N ARG A 386 -3.84 27.16 -4.01
CA ARG A 386 -3.70 28.32 -4.86
C ARG A 386 -2.51 29.18 -4.43
N GLU A 387 -2.24 29.20 -3.13
CA GLU A 387 -1.15 29.99 -2.57
C GLU A 387 0.12 29.17 -2.33
N GLU A 388 0.13 27.94 -2.80
CA GLU A 388 1.21 26.99 -2.50
C GLU A 388 2.40 27.07 -3.45
N THR A 389 3.57 27.28 -2.88
CA THR A 389 4.82 27.30 -3.65
C THR A 389 5.38 25.89 -3.85
N GLY A 390 4.96 24.97 -2.99
CA GLY A 390 5.46 23.60 -3.05
C GLY A 390 6.25 23.28 -1.79
N GLU A 391 6.78 24.33 -1.17
CA GLU A 391 7.58 24.19 0.04
C GLU A 391 6.83 23.51 1.18
N ARG A 392 5.58 23.92 1.41
CA ARG A 392 4.81 23.36 2.51
C ARG A 392 4.45 21.90 2.23
N ILE A 393 4.11 21.59 0.99
CA ILE A 393 3.77 20.23 0.60
C ILE A 393 4.98 19.31 0.68
N ILE A 394 6.10 19.76 0.10
CA ILE A 394 7.36 19.03 0.19
C ILE A 394 7.72 18.75 1.66
N ASN A 395 7.62 19.77 2.51
CA ASN A 395 7.88 19.59 3.93
C ASN A 395 7.00 18.52 4.57
N GLY A 396 5.70 18.55 4.28
CA GLY A 396 4.77 17.58 4.80
C GLY A 396 5.10 16.17 4.36
N CYS A 398 8.09 15.08 3.34
CA CYS A 398 9.35 14.70 3.97
C CYS A 398 9.12 14.22 5.39
N ASP A 399 8.22 14.88 6.11
CA ASP A 399 7.91 14.45 7.46
C ASP A 399 7.44 13.00 7.45
N THR A 400 6.46 12.69 6.59
CA THR A 400 5.93 11.32 6.51
C THR A 400 7.05 10.32 6.17
N ILE A 401 7.87 10.66 5.19
CA ILE A 401 8.94 9.79 4.72
C ILE A 401 10.05 9.58 5.76
N LEU A 402 10.47 10.66 6.41
CA LEU A 402 11.61 10.63 7.33
C LEU A 402 11.27 9.97 8.67
N SER A 403 9.98 9.81 8.93
CA SER A 403 9.51 9.08 10.11
C SER A 403 9.53 7.55 9.92
N GLY A 404 9.95 7.10 8.74
CA GLY A 404 10.15 5.69 8.46
C GLY A 404 11.40 5.14 9.13
N PRO A 405 11.53 3.80 9.17
CA PRO A 405 12.56 3.15 9.98
C PRO A 405 13.98 3.45 9.52
N LEU A 406 14.16 3.71 8.23
CA LEU A 406 15.49 3.99 7.70
C LEU A 406 15.76 5.49 7.63
N GLY A 407 14.81 6.28 8.15
CA GLY A 407 14.95 7.72 8.17
C GLY A 407 15.30 8.24 6.78
#